data_6OA0
#
_entry.id   6OA0
#
_cell.length_a   44.697
_cell.length_b   66.167
_cell.length_c   88.864
_cell.angle_alpha   90.00
_cell.angle_beta   95.58
_cell.angle_gamma   90.00
#
_symmetry.space_group_name_H-M   'P 1 21 1'
#
loop_
_entity.id
_entity.type
_entity.pdbx_description
1 polymer 'Poly(ADP-ribose) glycohydrolase'
2 non-polymer '4-(1,3-dimethyl-2,6-dioxo-1,2,3,6-tetrahydro-7H-purin-7-yl)butanoic acid'
3 water water
#
_entity_poly.entity_id   1
_entity_poly.type   'polypeptide(L)'
_entity_poly.pdbx_seq_one_letter_code
;GPHMSPDKKWLGTPIEEMRRMPRCGIRLPLLRPSANHTVTIRVDLLRAGEVPKPFPTHYKDLWDNKHVKMPCSEQNLYPV
EDENGERTAGSRWELIQTALLNKFTRPQNLKDAILKYNVAYSKKWDFTALIDFWDKVLEEAEAQHLYQSILPDMVKIALC
LPNICTQPIPLLAAAMNHSITMSQEQIASLLANAFFCTFPRRNAKMKSEYSSYPDINFNRLFEGRSSRKPEKLKTLFCYF
RRVTAAAPTGLVTFTRQSLEDFPEWERCEKPLTRLHVTYEGTIEENGQGMLQVDFANRFVGGGVTSAGLVQEEIRFLINP
ELIISRLFTEVLDHNECLIITGTEQYSEYTGYAETYRWSRSHEDGSERDDWQRRCTEIVAIDALHFRRYLDQFVPEKMRR
ELNKAYCGFLRPGVSSENLSAVATGNWGCGAFGGDARLKALIQILAAAAAERDVVYFTFGDSELMRDIYSMHIFLTERKL
TVGDVYKLLLRYYNEECRNCSTPGPDIKLYPFIYHAVESCAETADHSGQRTGT
;
_entity_poly.pdbx_strand_id   A
#
loop_
_chem_comp.id
_chem_comp.type
_chem_comp.name
_chem_comp.formula
M1D non-polymer '4-(1,3-dimethyl-2,6-dioxo-1,2,3,6-tetrahydro-7H-purin-7-yl)butanoic acid' 'C11 H14 N4 O4'
#
# COMPACT_ATOMS: atom_id res chain seq x y z
N ASP A 7 -16.37 -24.95 -16.81
CA ASP A 7 -14.91 -25.26 -16.87
C ASP A 7 -14.12 -23.97 -16.55
N LYS A 8 -14.33 -22.92 -17.39
CA LYS A 8 -13.42 -21.75 -17.62
C LYS A 8 -13.17 -20.95 -16.33
N LYS A 9 -11.89 -20.87 -15.94
CA LYS A 9 -11.49 -20.16 -14.74
C LYS A 9 -11.15 -18.68 -15.03
N TRP A 10 -10.94 -18.35 -16.29
CA TRP A 10 -10.69 -16.99 -16.69
C TRP A 10 -11.31 -16.75 -18.09
N LEU A 11 -11.47 -15.48 -18.46
CA LEU A 11 -11.95 -15.13 -19.81
C LEU A 11 -11.19 -13.90 -20.29
N GLY A 12 -11.19 -13.69 -21.60
CA GLY A 12 -10.68 -12.53 -22.29
C GLY A 12 -9.32 -12.82 -22.89
N THR A 13 -8.49 -11.81 -23.01
CA THR A 13 -7.07 -12.00 -23.37
C THR A 13 -6.34 -12.91 -22.37
N PRO A 14 -5.56 -13.90 -22.85
CA PRO A 14 -4.71 -14.68 -21.97
C PRO A 14 -3.82 -13.78 -21.12
N ILE A 15 -3.59 -14.18 -19.87
CA ILE A 15 -2.75 -13.35 -18.98
C ILE A 15 -1.28 -13.34 -19.50
N GLU A 16 -0.88 -14.42 -20.11
CA GLU A 16 0.40 -14.57 -20.76
C GLU A 16 0.64 -13.46 -21.79
N GLU A 17 -0.43 -12.92 -22.35
CA GLU A 17 -0.23 -11.91 -23.38
C GLU A 17 -0.16 -10.51 -22.78
N MET A 18 -0.26 -10.37 -21.46
CA MET A 18 -0.26 -9.04 -20.86
C MET A 18 1.17 -8.61 -20.55
N ARG A 19 1.47 -7.32 -20.70
CA ARG A 19 2.81 -6.80 -20.38
C ARG A 19 3.06 -6.85 -18.86
N ARG A 20 4.30 -7.29 -18.54
CA ARG A 20 4.89 -7.39 -17.21
C ARG A 20 6.29 -6.76 -17.18
N MET A 21 6.66 -6.23 -16.00
CA MET A 21 8.05 -5.96 -15.61
C MET A 21 8.74 -7.27 -15.15
N PRO A 22 10.07 -7.38 -15.39
CA PRO A 22 10.92 -6.33 -15.98
C PRO A 22 10.93 -6.28 -17.52
N ARG A 23 10.27 -7.23 -18.16
CA ARG A 23 10.42 -7.43 -19.61
C ARG A 23 9.81 -6.23 -20.38
N CYS A 24 8.77 -5.59 -19.85
CA CYS A 24 8.15 -4.46 -20.59
C CYS A 24 8.91 -3.16 -20.29
N GLY A 25 9.82 -3.19 -19.32
CA GLY A 25 10.34 -2.01 -18.71
C GLY A 25 11.24 -1.18 -19.60
N ILE A 26 11.22 0.13 -19.36
CA ILE A 26 12.21 1.05 -19.92
C ILE A 26 13.54 0.82 -19.19
N ARG A 27 14.68 0.92 -19.91
CA ARG A 27 16.02 1.04 -19.27
C ARG A 27 16.04 2.33 -18.42
N LEU A 28 16.44 2.24 -17.15
CA LEU A 28 16.18 3.34 -16.23
C LEU A 28 17.21 4.44 -16.46
N PRO A 29 16.89 5.72 -16.20
CA PRO A 29 17.92 6.76 -16.15
C PRO A 29 18.80 6.50 -14.92
N LEU A 30 19.99 7.09 -14.92
CA LEU A 30 20.91 6.90 -13.76
C LEU A 30 20.24 7.42 -12.48
N LEU A 31 20.39 6.69 -11.37
CA LEU A 31 19.76 7.10 -10.14
C LEU A 31 20.56 8.27 -9.58
N ARG A 32 19.92 9.42 -9.33
CA ARG A 32 20.58 10.53 -8.74
C ARG A 32 19.55 11.40 -8.04
N PRO A 33 19.94 12.04 -6.94
CA PRO A 33 19.08 12.97 -6.21
C PRO A 33 18.85 14.25 -7.05
N SER A 34 17.67 14.84 -6.89
CA SER A 34 17.28 16.11 -7.50
C SER A 34 16.26 16.74 -6.54
N ALA A 35 15.78 17.92 -6.84
CA ALA A 35 14.82 18.60 -6.01
C ALA A 35 13.54 17.75 -5.84
N ASN A 36 13.21 16.85 -6.75
CA ASN A 36 11.99 16.06 -6.61
C ASN A 36 12.28 14.57 -6.30
N HIS A 37 13.54 14.24 -6.07
CA HIS A 37 13.89 12.87 -5.76
C HIS A 37 14.91 12.85 -4.62
N THR A 38 14.49 12.40 -3.43
CA THR A 38 15.44 12.20 -2.34
C THR A 38 16.03 10.80 -2.43
N VAL A 39 17.33 10.67 -2.41
CA VAL A 39 18.04 9.37 -2.52
C VAL A 39 18.96 9.23 -1.34
N THR A 40 18.75 8.21 -0.49
CA THR A 40 19.37 8.18 0.83
C THR A 40 20.56 7.23 0.92
N ILE A 41 21.00 6.73 -0.21
CA ILE A 41 22.17 5.81 -0.34
C ILE A 41 23.17 6.36 -1.39
N ARG A 42 24.38 5.79 -1.32
CA ARG A 42 25.50 6.09 -2.25
C ARG A 42 25.26 5.40 -3.59
N VAL A 43 24.80 6.18 -4.56
CA VAL A 43 24.46 5.68 -5.86
C VAL A 43 25.72 5.17 -6.57
N ASP A 44 26.86 5.82 -6.33
CA ASP A 44 28.11 5.44 -6.98
C ASP A 44 28.50 4.03 -6.47
N LEU A 45 27.97 3.60 -5.31
CA LEU A 45 28.38 2.31 -4.68
C LEU A 45 27.28 1.24 -4.73
N LEU A 46 26.21 1.51 -5.46
CA LEU A 46 25.09 0.59 -5.47
C LEU A 46 25.51 -0.58 -6.35
N ARG A 47 25.48 -1.79 -5.79
CA ARG A 47 25.83 -2.99 -6.52
C ARG A 47 24.94 -4.15 -6.07
N ALA A 48 24.61 -4.97 -7.06
CA ALA A 48 23.73 -6.10 -6.90
C ALA A 48 24.34 -7.00 -5.84
N GLY A 49 23.53 -7.44 -4.88
CA GLY A 49 23.98 -8.32 -3.81
C GLY A 49 24.75 -7.65 -2.68
N GLU A 50 24.96 -6.33 -2.73
CA GLU A 50 25.65 -5.67 -1.64
C GLU A 50 24.65 -4.80 -0.88
N VAL A 51 24.80 -4.73 0.45
CA VAL A 51 24.06 -3.79 1.28
C VAL A 51 24.43 -2.37 0.86
N PRO A 52 23.47 -1.49 0.46
CA PRO A 52 23.78 -0.08 0.14
C PRO A 52 24.36 0.72 1.33
N LYS A 53 25.27 1.62 1.00
CA LYS A 53 25.94 2.48 1.98
C LYS A 53 25.13 3.77 2.09
N PRO A 54 24.74 4.21 3.29
CA PRO A 54 24.00 5.46 3.47
C PRO A 54 24.76 6.68 2.95
N PHE A 55 24.02 7.63 2.38
CA PHE A 55 24.52 8.96 2.11
C PHE A 55 23.61 9.94 2.84
N PRO A 56 24.15 10.87 3.65
CA PRO A 56 25.57 11.14 3.82
C PRO A 56 26.22 10.14 4.79
N THR A 57 27.55 10.21 4.91
CA THR A 57 28.27 9.35 5.84
C THR A 57 27.87 9.57 7.30
N HIS A 58 27.69 10.81 7.72
CA HIS A 58 27.39 11.16 9.04
C HIS A 58 25.93 11.56 9.11
N TYR A 59 25.37 11.31 10.27
CA TYR A 59 24.01 11.67 10.58
C TYR A 59 23.82 13.18 10.49
N LYS A 60 22.81 13.58 9.70
CA LYS A 60 22.32 14.95 9.60
C LYS A 60 20.86 15.01 10.11
N ASP A 61 20.54 16.04 10.92
CA ASP A 61 19.25 16.12 11.59
C ASP A 61 18.47 17.31 11.05
N LEU A 62 17.22 17.06 10.64
CA LEU A 62 16.23 18.16 10.49
C LEU A 62 15.06 17.88 11.40
N TRP A 63 14.65 18.90 12.16
CA TRP A 63 13.52 18.80 13.01
C TRP A 63 12.57 19.98 12.75
N ASP A 64 11.62 19.77 11.83
CA ASP A 64 10.79 20.89 11.26
C ASP A 64 9.52 20.22 10.71
N ASN A 65 8.65 21.00 10.05
CA ASN A 65 7.36 20.49 9.65
C ASN A 65 7.38 20.02 8.20
N LYS A 66 8.58 19.88 7.63
CA LYS A 66 8.78 19.33 6.25
C LYS A 66 9.48 17.96 6.20
N HIS A 67 9.99 17.47 7.33
CA HIS A 67 10.75 16.27 7.38
C HIS A 67 10.26 15.40 8.53
N VAL A 68 10.60 14.12 8.44
CA VAL A 68 10.38 13.22 9.50
C VAL A 68 11.11 13.72 10.75
N LYS A 69 10.44 13.72 11.91
CA LYS A 69 11.12 13.93 13.22
C LYS A 69 11.68 12.59 13.75
N MET A 70 13.01 12.40 13.61
CA MET A 70 13.69 11.18 13.92
C MET A 70 13.75 11.02 15.43
N PRO A 71 13.51 9.81 15.94
CA PRO A 71 13.66 9.59 17.38
C PRO A 71 15.07 9.85 17.89
N CYS A 72 16.11 9.78 17.04
CA CYS A 72 17.49 9.95 17.48
C CYS A 72 17.93 11.42 17.41
N SER A 73 17.06 12.32 16.95
CA SER A 73 17.32 13.75 16.90
C SER A 73 17.73 14.24 18.29
N GLU A 74 18.74 15.12 18.38
CA GLU A 74 19.04 15.84 19.65
C GLU A 74 17.89 16.73 20.09
N GLN A 75 16.96 17.05 19.18
CA GLN A 75 15.80 17.86 19.56
C GLN A 75 14.70 17.01 20.18
N ASN A 76 14.83 15.68 20.17
CA ASN A 76 13.82 14.83 20.81
C ASN A 76 14.14 14.83 22.31
N LEU A 77 13.35 15.57 23.11
CA LEU A 77 13.70 15.83 24.52
C LEU A 77 12.60 15.26 25.43
N TYR A 78 12.88 15.09 26.72
CA TYR A 78 11.86 14.70 27.72
C TYR A 78 12.14 15.38 29.08
N PRO A 79 11.09 15.69 29.87
CA PRO A 79 11.27 16.41 31.14
C PRO A 79 11.96 15.56 32.23
N VAL A 80 13.11 16.04 32.73
CA VAL A 80 13.77 15.49 33.95
C VAL A 80 13.48 16.40 35.16
N THR A 88 14.59 20.91 33.41
CA THR A 88 15.73 20.20 32.81
C THR A 88 15.23 19.31 31.66
N ALA A 89 15.80 19.46 30.47
CA ALA A 89 15.49 18.57 29.34
C ALA A 89 16.47 17.37 29.37
N GLY A 90 16.02 16.12 29.13
CA GLY A 90 16.91 14.99 28.88
C GLY A 90 16.80 14.56 27.42
N SER A 91 17.80 13.78 26.93
CA SER A 91 17.79 13.27 25.55
C SER A 91 16.88 12.02 25.48
N ARG A 92 15.75 12.10 24.79
CA ARG A 92 14.81 10.99 24.75
C ARG A 92 15.44 9.82 24.01
N TRP A 93 16.34 10.12 23.08
CA TRP A 93 17.12 9.04 22.40
C TRP A 93 17.93 8.19 23.38
N GLU A 94 18.60 8.86 24.33
CA GLU A 94 19.41 8.16 25.34
C GLU A 94 18.48 7.38 26.25
N LEU A 95 17.32 7.95 26.56
CA LEU A 95 16.37 7.24 27.36
C LEU A 95 15.86 5.97 26.64
N ILE A 96 15.58 6.09 25.33
CA ILE A 96 15.16 4.95 24.49
C ILE A 96 16.19 3.82 24.58
N GLN A 97 17.46 4.18 24.42
CA GLN A 97 18.55 3.20 24.46
C GLN A 97 18.59 2.51 25.81
N THR A 98 18.53 3.30 26.87
CA THR A 98 18.47 2.76 28.20
C THR A 98 17.28 1.78 28.35
N ALA A 99 16.09 2.22 27.98
CA ALA A 99 14.89 1.37 28.19
C ALA A 99 15.01 0.06 27.39
N LEU A 100 15.43 0.12 26.11
CA LEU A 100 15.34 -1.07 25.22
C LEU A 100 16.51 -2.03 25.40
N LEU A 101 17.63 -1.57 25.99
CA LEU A 101 18.83 -2.43 26.24
C LEU A 101 18.71 -3.07 27.63
N ASN A 102 17.63 -3.81 27.81
CA ASN A 102 17.41 -4.65 28.96
C ASN A 102 16.93 -5.99 28.42
N LYS A 103 17.18 -7.07 29.18
CA LYS A 103 16.72 -8.39 28.83
C LYS A 103 15.20 -8.37 28.98
N PHE A 104 14.49 -8.91 28.01
CA PHE A 104 13.12 -9.22 28.18
C PHE A 104 13.05 -10.72 28.42
N THR A 105 12.28 -11.10 29.45
CA THR A 105 11.90 -12.54 29.56
C THR A 105 10.38 -12.71 29.65
N ARG A 106 9.62 -11.60 29.78
CA ARG A 106 8.17 -11.65 29.89
C ARG A 106 7.57 -10.44 29.18
N PRO A 107 6.33 -10.54 28.64
CA PRO A 107 5.75 -9.45 27.85
C PRO A 107 5.63 -8.16 28.65
N GLN A 108 5.37 -8.23 29.96
CA GLN A 108 5.32 -7.02 30.76
C GLN A 108 6.66 -6.24 30.67
N ASN A 109 7.81 -6.93 30.57
CA ASN A 109 9.10 -6.27 30.48
C ASN A 109 9.18 -5.38 29.22
N LEU A 110 8.53 -5.80 28.10
CA LEU A 110 8.60 -5.08 26.85
C LEU A 110 7.63 -3.89 26.93
N LYS A 111 6.47 -4.14 27.51
CA LYS A 111 5.52 -3.09 27.73
C LYS A 111 6.15 -1.98 28.57
N ASP A 112 6.75 -2.34 29.70
CA ASP A 112 7.29 -1.33 30.57
C ASP A 112 8.43 -0.58 29.86
N ALA A 113 9.27 -1.28 29.10
CA ALA A 113 10.35 -0.61 28.36
C ALA A 113 9.78 0.47 27.41
N ILE A 114 8.75 0.11 26.62
CA ILE A 114 8.18 1.01 25.63
C ILE A 114 7.53 2.20 26.34
N LEU A 115 6.97 1.94 27.53
CA LEU A 115 6.32 3.01 28.30
C LEU A 115 7.32 4.01 28.92
N LYS A 116 8.57 3.63 29.12
CA LYS A 116 9.60 4.54 29.71
C LYS A 116 9.76 5.82 28.88
N TYR A 117 9.65 5.75 27.56
CA TYR A 117 9.83 6.98 26.80
C TYR A 117 8.46 7.38 26.22
N ASN A 118 7.37 6.80 26.75
CA ASN A 118 6.02 7.11 26.34
C ASN A 118 5.14 7.26 27.58
N VAL A 119 5.69 7.90 28.60
CA VAL A 119 5.12 7.94 29.93
C VAL A 119 3.70 8.50 29.86
N ALA A 120 3.45 9.50 29.02
CA ALA A 120 2.12 10.11 28.91
C ALA A 120 1.06 9.11 28.44
N TYR A 121 1.49 8.02 27.79
CA TYR A 121 0.50 7.08 27.26
C TYR A 121 0.35 5.87 28.19
N SER A 122 0.93 5.93 29.39
CA SER A 122 1.01 4.77 30.30
C SER A 122 -0.38 4.27 30.71
N LYS A 123 -1.42 5.12 30.67
CA LYS A 123 -2.80 4.62 30.94
C LYS A 123 -3.56 4.42 29.60
N LYS A 124 -3.19 5.12 28.53
CA LYS A 124 -3.97 5.04 27.30
C LYS A 124 -3.66 3.74 26.57
N TRP A 125 -2.36 3.38 26.53
CA TRP A 125 -1.94 2.24 25.72
C TRP A 125 -2.19 0.91 26.42
N ASP A 126 -3.07 0.13 25.82
CA ASP A 126 -3.32 -1.28 26.20
C ASP A 126 -2.35 -2.20 25.38
N PHE A 127 -1.73 -3.18 26.07
CA PHE A 127 -0.77 -4.14 25.49
C PHE A 127 -1.37 -5.57 25.51
N THR A 128 -2.70 -5.71 25.70
CA THR A 128 -3.32 -7.02 25.86
C THR A 128 -2.95 -7.99 24.69
N ALA A 129 -3.02 -7.51 23.46
CA ALA A 129 -2.74 -8.35 22.32
C ALA A 129 -1.27 -8.79 22.35
N LEU A 130 -0.38 -7.91 22.78
CA LEU A 130 1.06 -8.28 22.87
C LEU A 130 1.26 -9.38 23.94
N ILE A 131 0.62 -9.17 25.10
CA ILE A 131 0.68 -10.12 26.19
C ILE A 131 0.08 -11.47 25.78
N ASP A 132 -1.10 -11.43 25.22
CA ASP A 132 -1.79 -12.65 24.79
C ASP A 132 -1.01 -13.38 23.69
N PHE A 133 -0.39 -12.64 22.78
CA PHE A 133 0.42 -13.26 21.72
C PHE A 133 1.56 -14.07 22.36
N TRP A 134 2.33 -13.39 23.17
CA TRP A 134 3.55 -14.00 23.82
C TRP A 134 3.16 -15.17 24.75
N ASP A 135 2.12 -14.97 25.58
CA ASP A 135 1.75 -15.91 26.67
C ASP A 135 0.74 -16.99 26.26
N LYS A 136 -0.23 -16.66 25.40
CA LYS A 136 -1.39 -17.47 25.21
C LYS A 136 -1.45 -18.03 23.80
N VAL A 137 -0.63 -17.54 22.87
CA VAL A 137 -0.64 -18.01 21.46
C VAL A 137 0.65 -18.80 21.21
N LEU A 138 1.80 -18.23 21.56
CA LEU A 138 3.09 -18.90 21.18
C LEU A 138 3.32 -20.13 22.03
N GLU A 139 4.02 -21.10 21.48
CA GLU A 139 4.53 -22.17 22.34
C GLU A 139 5.66 -21.57 23.15
N GLU A 140 6.01 -22.30 24.22
CA GLU A 140 7.03 -21.83 25.12
C GLU A 140 8.33 -21.59 24.33
N ALA A 141 8.68 -22.47 23.38
CA ALA A 141 9.99 -22.37 22.67
C ALA A 141 9.96 -21.20 21.71
N GLU A 142 8.76 -20.91 21.18
CA GLU A 142 8.62 -19.81 20.25
C GLU A 142 8.73 -18.51 21.03
N ALA A 143 8.06 -18.44 22.19
CA ALA A 143 8.20 -17.30 23.08
C ALA A 143 9.69 -17.05 23.39
N GLN A 144 10.42 -18.11 23.71
CA GLN A 144 11.86 -17.99 24.13
C GLN A 144 12.70 -17.47 22.98
N HIS A 145 12.45 -17.99 21.79
CA HIS A 145 13.14 -17.49 20.65
C HIS A 145 12.78 -16.01 20.44
N LEU A 146 11.50 -15.66 20.61
CA LEU A 146 11.10 -14.26 20.46
C LEU A 146 11.93 -13.39 21.42
N TYR A 147 12.06 -13.76 22.69
CA TYR A 147 12.67 -12.81 23.61
C TYR A 147 14.18 -13.00 23.68
N GLN A 148 14.70 -14.16 23.31
CA GLN A 148 16.16 -14.31 23.34
C GLN A 148 16.82 -13.82 22.04
N SER A 149 16.12 -13.84 20.91
CA SER A 149 16.76 -13.58 19.63
C SER A 149 16.12 -12.43 18.86
N ILE A 150 14.87 -12.66 18.49
CA ILE A 150 14.15 -11.70 17.60
C ILE A 150 14.04 -10.30 18.25
N LEU A 151 13.54 -10.18 19.48
CA LEU A 151 13.34 -8.84 20.00
C LEU A 151 14.70 -8.16 20.19
N PRO A 152 15.74 -8.78 20.76
CA PRO A 152 17.02 -8.09 20.93
C PRO A 152 17.71 -7.66 19.62
N ASP A 153 17.57 -8.50 18.59
CA ASP A 153 17.97 -8.20 17.20
C ASP A 153 17.21 -6.99 16.68
N MET A 154 15.88 -6.94 16.92
CA MET A 154 15.06 -5.80 16.51
C MET A 154 15.51 -4.51 17.24
N VAL A 155 15.79 -4.60 18.55
CA VAL A 155 16.30 -3.45 19.31
C VAL A 155 17.58 -2.95 18.66
N LYS A 156 18.52 -3.84 18.36
CA LYS A 156 19.81 -3.37 17.85
C LYS A 156 19.65 -2.64 16.51
N ILE A 157 18.80 -3.18 15.60
CA ILE A 157 18.65 -2.48 14.30
C ILE A 157 17.93 -1.14 14.49
N ALA A 158 17.04 -1.10 15.50
CA ALA A 158 16.36 0.17 15.84
C ALA A 158 17.38 1.20 16.33
N LEU A 159 18.24 0.77 17.24
CA LEU A 159 19.20 1.71 17.86
C LEU A 159 20.33 2.09 16.90
N CYS A 160 20.52 1.35 15.78
CA CYS A 160 21.51 1.69 14.75
C CYS A 160 21.01 2.83 13.87
N LEU A 161 19.77 3.29 14.09
CA LEU A 161 19.14 4.29 13.20
C LEU A 161 20.10 5.41 12.79
N PRO A 162 20.82 6.16 13.68
CA PRO A 162 21.63 7.27 13.19
C PRO A 162 22.78 6.93 12.24
N ASN A 163 23.18 5.67 12.17
CA ASN A 163 24.26 5.20 11.32
C ASN A 163 23.65 4.71 10.01
N ILE A 164 22.35 4.40 10.03
CA ILE A 164 21.66 3.79 8.91
C ILE A 164 20.90 4.87 8.13
N CYS A 165 20.05 5.67 8.80
CA CYS A 165 19.23 6.72 8.14
C CYS A 165 19.85 8.10 8.38
N THR A 166 20.97 8.37 7.70
CA THR A 166 21.78 9.53 7.97
C THR A 166 21.21 10.82 7.38
N GLN A 167 20.35 10.65 6.37
CA GLN A 167 19.80 11.72 5.56
C GLN A 167 18.39 12.04 6.03
N PRO A 168 18.06 13.32 6.32
CA PRO A 168 16.69 13.68 6.67
C PRO A 168 15.72 13.16 5.62
N ILE A 169 14.55 12.71 6.08
CA ILE A 169 13.55 12.18 5.15
C ILE A 169 12.44 13.20 4.96
N PRO A 170 12.22 13.75 3.75
CA PRO A 170 11.16 14.76 3.56
C PRO A 170 9.78 14.09 3.69
N LEU A 171 8.85 14.82 4.27
CA LEU A 171 7.49 14.39 4.20
C LEU A 171 7.00 14.47 2.74
N LEU A 172 6.23 13.45 2.35
CA LEU A 172 5.44 13.54 1.10
C LEU A 172 4.08 14.18 1.42
N ALA A 173 4.09 15.53 1.40
CA ALA A 173 2.95 16.30 1.78
C ALA A 173 2.01 16.50 0.58
N ALA A 174 0.77 16.78 0.90
CA ALA A 174 -0.26 17.02 -0.09
C ALA A 174 0.23 17.98 -1.18
N ALA A 175 -0.14 17.69 -2.42
CA ALA A 175 0.14 18.48 -3.59
C ALA A 175 1.63 18.35 -4.00
N MET A 176 2.48 17.63 -3.29
CA MET A 176 3.88 17.48 -3.76
C MET A 176 3.96 16.34 -4.76
N ASN A 177 4.76 16.50 -5.82
CA ASN A 177 5.13 15.49 -6.68
C ASN A 177 6.61 15.21 -6.40
N HIS A 178 6.88 14.14 -5.62
CA HIS A 178 8.18 13.91 -5.04
C HIS A 178 8.33 12.40 -4.78
N SER A 179 9.59 11.93 -4.91
CA SER A 179 9.99 10.54 -4.67
C SER A 179 11.07 10.48 -3.60
N ILE A 180 11.01 9.41 -2.84
CA ILE A 180 12.02 9.01 -1.90
C ILE A 180 12.45 7.59 -2.29
N THR A 181 13.76 7.46 -2.61
CA THR A 181 14.39 6.13 -2.83
C THR A 181 15.36 5.86 -1.68
N MET A 182 15.09 4.79 -0.96
CA MET A 182 15.80 4.37 0.25
C MET A 182 16.04 2.86 0.22
N SER A 183 16.92 2.38 1.10
CA SER A 183 17.32 0.96 1.10
C SER A 183 16.28 0.20 1.93
N GLN A 184 16.12 -1.10 1.64
CA GLN A 184 15.31 -2.00 2.46
C GLN A 184 15.88 -2.04 3.89
N GLU A 185 17.18 -1.86 4.03
CA GLU A 185 17.82 -1.87 5.31
C GLU A 185 17.41 -0.64 6.12
N GLN A 186 17.44 0.53 5.47
CA GLN A 186 16.98 1.75 6.13
C GLN A 186 15.52 1.58 6.58
N ILE A 187 14.72 0.94 5.74
CA ILE A 187 13.28 0.73 6.09
C ILE A 187 13.18 -0.15 7.33
N ALA A 188 14.00 -1.22 7.40
CA ALA A 188 14.00 -2.19 8.47
C ALA A 188 14.27 -1.48 9.79
N SER A 189 15.29 -0.63 9.79
CA SER A 189 15.63 0.15 10.98
C SER A 189 14.46 1.04 11.39
N LEU A 190 13.86 1.73 10.41
CA LEU A 190 12.78 2.61 10.70
C LEU A 190 11.58 1.81 11.27
N LEU A 191 11.28 0.65 10.72
CA LEU A 191 10.10 -0.08 11.18
C LEU A 191 10.33 -0.69 12.58
N ALA A 192 11.57 -1.11 12.90
CA ALA A 192 11.84 -1.61 14.20
C ALA A 192 11.59 -0.49 15.22
N ASN A 193 11.98 0.75 14.87
CA ASN A 193 11.65 1.93 15.69
C ASN A 193 10.13 2.06 15.86
N ALA A 194 9.38 1.90 14.76
CA ALA A 194 7.93 2.03 14.82
C ALA A 194 7.33 0.93 15.75
N PHE A 195 7.90 -0.29 15.69
CA PHE A 195 7.43 -1.38 16.54
C PHE A 195 7.58 -0.95 18.01
N PHE A 196 8.75 -0.44 18.34
CA PHE A 196 9.06 0.00 19.73
C PHE A 196 8.46 1.38 20.03
N CYS A 197 7.66 1.95 19.11
CA CYS A 197 6.88 3.15 19.32
C CYS A 197 7.79 4.34 19.66
N THR A 198 8.88 4.50 18.89
CA THR A 198 9.89 5.50 19.22
C THR A 198 9.68 6.84 18.47
N PHE A 199 8.82 6.91 17.44
CA PHE A 199 8.74 8.15 16.63
C PHE A 199 8.07 9.26 17.45
N PRO A 200 8.73 10.40 17.70
CA PRO A 200 8.14 11.45 18.53
C PRO A 200 6.98 12.20 17.86
N ARG A 201 6.07 12.79 18.63
CA ARG A 201 5.07 13.74 18.16
C ARG A 201 4.12 13.04 17.17
N ARG A 202 3.94 11.74 17.32
CA ARG A 202 3.12 10.95 16.39
C ARG A 202 1.97 10.25 17.11
N ASN A 203 1.68 10.64 18.36
CA ASN A 203 0.75 9.86 19.18
C ASN A 203 -0.51 10.65 19.56
N ALA A 204 -0.43 11.98 19.76
CA ALA A 204 -1.43 12.70 20.68
C ALA A 204 -2.88 12.38 20.25
N SER A 211 -2.22 14.79 12.51
CA SER A 211 -3.68 14.57 12.32
C SER A 211 -4.02 14.41 10.82
N SER A 212 -3.13 14.85 9.89
CA SER A 212 -3.30 14.57 8.49
C SER A 212 -2.34 13.46 8.02
N TYR A 213 -1.67 12.78 8.97
CA TYR A 213 -0.73 11.70 8.67
C TYR A 213 -1.22 10.44 9.35
N PRO A 214 -1.01 9.25 8.77
CA PRO A 214 -1.37 8.01 9.46
C PRO A 214 -0.53 7.85 10.73
N ASP A 215 -0.99 6.95 11.60
CA ASP A 215 -0.23 6.42 12.72
C ASP A 215 0.99 5.71 12.15
N ILE A 216 2.15 5.86 12.80
CA ILE A 216 3.31 5.06 12.44
C ILE A 216 3.72 4.13 13.57
N ASN A 217 3.69 4.62 14.83
CA ASN A 217 4.08 3.80 15.92
C ASN A 217 3.09 2.63 15.99
N PHE A 218 3.60 1.47 16.35
CA PHE A 218 2.77 0.21 16.36
C PHE A 218 1.89 -0.01 17.60
N ASN A 219 1.65 1.02 18.42
CA ASN A 219 1.04 0.82 19.72
C ASN A 219 -0.37 0.19 19.59
N ARG A 220 -1.11 0.57 18.56
CA ARG A 220 -2.46 0.00 18.39
C ARG A 220 -2.37 -1.48 17.98
N LEU A 221 -1.21 -1.97 17.56
CA LEU A 221 -1.05 -3.36 17.22
C LEU A 221 -1.19 -4.24 18.46
N PHE A 222 -0.76 -3.71 19.61
CA PHE A 222 -0.70 -4.37 20.87
C PHE A 222 -2.03 -4.34 21.63
N GLU A 223 -3.07 -3.68 21.12
CA GLU A 223 -4.27 -3.50 22.00
C GLU A 223 -5.33 -4.54 21.69
N GLY A 224 -6.18 -4.86 22.70
CA GLY A 224 -7.44 -5.64 22.53
C GLY A 224 -7.22 -7.11 22.28
N ARG A 225 -8.28 -7.84 21.93
CA ARG A 225 -8.20 -9.26 21.89
C ARG A 225 -8.69 -9.83 20.58
N SER A 226 -8.58 -9.04 19.50
CA SER A 226 -9.00 -9.53 18.19
C SER A 226 -8.21 -10.79 17.85
N SER A 227 -8.87 -11.86 17.38
CA SER A 227 -8.15 -13.07 16.92
C SER A 227 -7.28 -12.72 15.71
N ARG A 228 -7.44 -11.53 15.12
CA ARG A 228 -6.60 -11.10 13.98
C ARG A 228 -5.18 -10.74 14.46
N LYS A 229 -5.06 -10.15 15.66
CA LYS A 229 -3.84 -9.61 16.15
C LYS A 229 -2.71 -10.66 16.17
N PRO A 230 -2.94 -11.93 16.58
CA PRO A 230 -1.85 -12.91 16.56
C PRO A 230 -1.32 -13.23 15.14
N GLU A 231 -2.20 -13.15 14.15
CA GLU A 231 -1.86 -13.37 12.81
C GLU A 231 -1.06 -12.17 12.29
N LYS A 232 -1.46 -10.95 12.69
CA LYS A 232 -0.70 -9.76 12.31
C LYS A 232 0.72 -9.84 12.88
N LEU A 233 0.78 -10.18 14.16
CA LEU A 233 2.03 -10.21 14.83
C LEU A 233 2.96 -11.27 14.22
N LYS A 234 2.44 -12.46 13.95
CA LYS A 234 3.26 -13.52 13.34
C LYS A 234 3.79 -13.07 11.97
N THR A 235 2.94 -12.38 11.19
CA THR A 235 3.35 -11.88 9.89
C THR A 235 4.48 -10.86 10.04
N LEU A 236 4.35 -9.93 10.98
CA LEU A 236 5.36 -8.93 11.13
C LEU A 236 6.66 -9.54 11.71
N PHE A 237 6.57 -10.42 12.71
CA PHE A 237 7.76 -11.08 13.23
C PHE A 237 8.49 -11.90 12.16
N CYS A 238 7.75 -12.52 11.23
CA CYS A 238 8.34 -13.24 10.13
C CYS A 238 9.29 -12.30 9.38
N TYR A 239 8.76 -11.10 9.08
CA TYR A 239 9.60 -10.00 8.44
C TYR A 239 10.80 -9.64 9.34
N PHE A 240 10.53 -9.28 10.62
CA PHE A 240 11.61 -8.84 11.52
C PHE A 240 12.70 -9.92 11.66
N ARG A 241 12.31 -11.21 11.72
CA ARG A 241 13.32 -12.26 11.88
C ARG A 241 14.19 -12.29 10.62
N ARG A 242 13.55 -12.08 9.46
CA ARG A 242 14.27 -12.23 8.19
C ARG A 242 15.27 -11.07 8.03
N VAL A 243 14.81 -9.83 8.24
CA VAL A 243 15.65 -8.69 7.88
C VAL A 243 16.70 -8.36 8.97
N THR A 244 16.55 -8.82 10.20
CA THR A 244 17.62 -8.68 11.16
C THR A 244 18.60 -9.86 11.03
N ALA A 245 18.20 -11.02 10.49
CA ALA A 245 19.16 -12.15 10.32
C ALA A 245 20.16 -11.83 9.19
N ALA A 246 19.66 -11.33 8.04
CA ALA A 246 20.50 -10.95 6.88
C ALA A 246 19.89 -9.70 6.23
N ALA A 247 20.66 -8.61 6.21
CA ALA A 247 20.19 -7.34 5.66
C ALA A 247 19.71 -7.56 4.23
N PRO A 248 18.50 -7.12 3.87
CA PRO A 248 18.15 -7.03 2.44
C PRO A 248 19.03 -5.97 1.75
N THR A 249 19.24 -6.16 0.43
CA THR A 249 20.30 -5.49 -0.27
C THR A 249 19.72 -4.47 -1.25
N GLY A 250 18.37 -4.43 -1.33
CA GLY A 250 17.66 -3.69 -2.43
C GLY A 250 17.26 -2.30 -2.00
N LEU A 251 16.57 -1.61 -2.93
CA LEU A 251 16.02 -0.28 -2.75
C LEU A 251 14.52 -0.34 -3.00
N VAL A 252 13.86 0.67 -2.45
CA VAL A 252 12.43 0.92 -2.57
C VAL A 252 12.25 2.42 -2.81
N THR A 253 11.42 2.74 -3.79
CA THR A 253 11.01 4.10 -4.08
C THR A 253 9.54 4.35 -3.74
N PHE A 254 9.30 5.46 -3.05
CA PHE A 254 7.99 5.92 -2.79
C PHE A 254 7.76 7.21 -3.56
N THR A 255 6.75 7.25 -4.41
CA THR A 255 6.43 8.45 -5.15
C THR A 255 5.00 8.95 -4.86
N ARG A 256 4.84 10.20 -4.38
CA ARG A 256 3.56 10.84 -4.36
C ARG A 256 3.32 11.49 -5.73
N GLN A 257 2.16 11.13 -6.34
CA GLN A 257 1.78 11.65 -7.66
C GLN A 257 0.46 12.43 -7.56
N SER A 258 0.49 13.67 -8.07
CA SER A 258 -0.63 14.72 -8.02
C SER A 258 -0.89 15.14 -9.44
N LEU A 259 -2.08 14.94 -10.01
CA LEU A 259 -2.35 15.49 -11.32
C LEU A 259 -3.20 16.76 -11.16
N GLU A 260 -2.95 17.71 -12.02
CA GLU A 260 -3.67 19.02 -12.03
C GLU A 260 -4.80 19.01 -13.07
N ASP A 261 -4.62 18.29 -14.19
CA ASP A 261 -5.59 18.24 -15.25
C ASP A 261 -6.06 16.81 -15.44
N PHE A 262 -7.38 16.66 -15.59
CA PHE A 262 -7.92 15.35 -15.81
C PHE A 262 -8.60 15.34 -17.16
N PRO A 263 -8.74 14.17 -17.81
CA PRO A 263 -9.41 14.10 -19.10
C PRO A 263 -10.84 14.65 -18.96
N GLU A 264 -11.31 15.30 -20.03
CA GLU A 264 -12.71 15.49 -20.30
C GLU A 264 -13.25 14.17 -20.82
N TRP A 265 -13.77 13.37 -19.92
CA TRP A 265 -14.10 11.96 -20.16
C TRP A 265 -15.14 11.81 -21.29
N GLU A 266 -16.12 12.72 -21.34
CA GLU A 266 -17.16 12.67 -22.37
C GLU A 266 -16.55 12.92 -23.77
N ARG A 267 -15.35 13.52 -23.88
CA ARG A 267 -14.70 13.81 -25.17
C ARG A 267 -13.61 12.79 -25.49
N CYS A 268 -13.34 11.83 -24.60
CA CYS A 268 -12.13 10.99 -24.75
C CYS A 268 -12.39 9.93 -25.83
N GLU A 269 -11.59 10.00 -26.90
CA GLU A 269 -11.82 9.24 -28.11
C GLU A 269 -11.00 7.96 -28.15
N LYS A 270 -10.39 7.63 -27.02
CA LYS A 270 -9.48 6.52 -26.99
C LYS A 270 -10.27 5.22 -26.98
N PRO A 271 -9.73 4.15 -27.60
CA PRO A 271 -10.31 2.83 -27.50
C PRO A 271 -10.07 2.16 -26.13
N LEU A 272 -10.92 1.18 -25.82
CA LEU A 272 -10.74 0.40 -24.65
C LEU A 272 -9.50 -0.48 -24.88
N THR A 273 -8.92 -1.01 -23.81
CA THR A 273 -7.71 -1.87 -23.94
C THR A 273 -8.13 -3.32 -23.67
N ARG A 274 -7.15 -4.23 -23.51
CA ARG A 274 -7.50 -5.61 -23.35
C ARG A 274 -7.86 -5.91 -21.89
N LEU A 275 -8.63 -7.00 -21.70
CA LEU A 275 -9.04 -7.45 -20.39
C LEU A 275 -8.73 -8.92 -20.22
N HIS A 276 -8.16 -9.29 -19.09
CA HIS A 276 -8.17 -10.66 -18.63
C HIS A 276 -8.95 -10.60 -17.33
N VAL A 277 -9.91 -11.54 -17.11
CA VAL A 277 -10.74 -11.52 -15.88
C VAL A 277 -10.88 -12.96 -15.40
N THR A 278 -10.65 -13.13 -14.10
CA THR A 278 -10.61 -14.49 -13.53
C THR A 278 -11.18 -14.47 -12.09
N TYR A 279 -11.90 -15.54 -11.75
CA TYR A 279 -12.33 -15.74 -10.38
C TYR A 279 -11.29 -16.50 -9.55
N GLU A 280 -10.14 -16.86 -10.10
CA GLU A 280 -9.11 -17.46 -9.33
C GLU A 280 -7.89 -16.55 -9.24
N GLY A 281 -6.96 -16.92 -8.36
CA GLY A 281 -5.68 -16.26 -8.29
C GLY A 281 -5.74 -15.06 -7.37
N THR A 282 -4.58 -14.45 -7.18
CA THR A 282 -4.52 -13.22 -6.41
C THR A 282 -3.78 -12.15 -7.24
N ILE A 283 -4.07 -10.89 -6.92
CA ILE A 283 -3.27 -9.69 -7.44
C ILE A 283 -1.75 -9.89 -7.21
N GLU A 284 -1.37 -10.23 -5.97
CA GLU A 284 0.01 -10.27 -5.62
C GLU A 284 0.73 -11.47 -6.24
N GLU A 285 0.07 -12.60 -6.54
CA GLU A 285 0.88 -13.69 -7.09
C GLU A 285 0.74 -13.79 -8.62
N ASN A 286 -0.49 -13.77 -9.05
CA ASN A 286 -0.89 -13.85 -10.50
C ASN A 286 -0.64 -12.54 -11.23
N GLY A 287 -0.53 -11.44 -10.48
CA GLY A 287 -0.26 -10.17 -11.08
C GLY A 287 1.19 -9.76 -10.95
N GLN A 288 2.09 -10.74 -10.86
CA GLN A 288 3.55 -10.47 -10.70
C GLN A 288 3.99 -9.63 -11.90
N GLY A 289 4.73 -8.57 -11.56
CA GLY A 289 5.31 -7.72 -12.58
C GLY A 289 4.35 -6.66 -13.09
N MET A 290 3.09 -6.68 -12.64
CA MET A 290 2.07 -5.79 -13.14
C MET A 290 1.86 -4.65 -12.17
N LEU A 291 1.13 -3.61 -12.60
CA LEU A 291 0.78 -2.55 -11.66
C LEU A 291 -0.32 -3.06 -10.74
N GLN A 292 0.03 -3.35 -9.48
CA GLN A 292 -0.86 -3.95 -8.47
C GLN A 292 -1.53 -2.86 -7.64
N VAL A 293 -2.87 -2.87 -7.71
CA VAL A 293 -3.64 -1.94 -6.99
C VAL A 293 -3.76 -2.40 -5.52
N ASP A 294 -3.49 -1.44 -4.66
CA ASP A 294 -3.84 -1.38 -3.26
C ASP A 294 -5.16 -0.62 -3.15
N PHE A 295 -6.19 -1.32 -2.66
CA PHE A 295 -7.48 -0.72 -2.41
C PHE A 295 -7.37 0.07 -1.10
N ALA A 296 -6.83 1.29 -1.17
CA ALA A 296 -6.23 1.96 0.00
C ALA A 296 -7.26 2.80 0.78
N ASN A 297 -7.00 3.02 2.08
CA ASN A 297 -7.52 4.13 2.77
C ASN A 297 -6.76 5.40 2.28
N ARG A 298 -7.40 6.57 2.40
CA ARG A 298 -6.73 7.88 2.10
C ARG A 298 -5.57 8.11 3.08
N PHE A 299 -5.70 7.58 4.28
CA PHE A 299 -4.57 7.37 5.20
C PHE A 299 -3.95 6.03 4.81
N VAL A 300 -2.86 6.08 4.06
CA VAL A 300 -2.30 4.88 3.37
C VAL A 300 -1.97 3.81 4.41
N GLY A 301 -2.33 2.56 4.08
CA GLY A 301 -2.16 1.42 4.96
C GLY A 301 -3.36 1.10 5.87
N GLY A 302 -4.32 2.05 5.93
CA GLY A 302 -5.55 1.97 6.71
C GLY A 302 -5.33 1.45 8.11
N GLY A 303 -5.89 0.28 8.37
CA GLY A 303 -5.87 -0.32 9.69
C GLY A 303 -4.71 -1.25 9.91
N VAL A 304 -3.64 -1.19 9.11
CA VAL A 304 -2.58 -2.23 9.14
C VAL A 304 -2.03 -2.39 10.58
N THR A 305 -1.69 -1.32 11.30
CA THR A 305 -1.15 -1.53 12.65
C THR A 305 -2.16 -1.16 13.73
N SER A 306 -3.45 -1.33 13.41
CA SER A 306 -4.58 -1.27 14.35
C SER A 306 -5.55 -2.45 14.09
N ALA A 307 -6.84 -2.18 13.79
CA ALA A 307 -7.87 -3.22 13.67
C ALA A 307 -8.19 -3.67 12.23
N GLY A 308 -7.81 -2.96 11.16
CA GLY A 308 -8.18 -3.53 9.78
C GLY A 308 -7.43 -4.81 9.33
N LEU A 309 -8.13 -5.69 8.60
CA LEU A 309 -7.40 -6.80 7.91
C LEU A 309 -8.11 -7.20 6.60
N VAL A 310 -8.28 -6.27 5.65
CA VAL A 310 -8.75 -6.71 4.33
C VAL A 310 -7.62 -6.44 3.32
N GLN A 311 -7.91 -6.17 2.04
CA GLN A 311 -6.86 -6.23 0.95
C GLN A 311 -5.68 -5.30 1.29
N GLU A 312 -5.93 -4.07 1.76
CA GLU A 312 -4.79 -3.18 1.94
C GLU A 312 -3.94 -3.67 3.10
N GLU A 313 -4.58 -4.02 4.22
CA GLU A 313 -3.80 -4.37 5.40
C GLU A 313 -3.01 -5.66 5.10
N ILE A 314 -3.60 -6.59 4.35
CA ILE A 314 -2.92 -7.80 4.00
C ILE A 314 -1.64 -7.46 3.22
N ARG A 315 -1.78 -6.65 2.17
CA ARG A 315 -0.58 -6.39 1.33
C ARG A 315 0.52 -5.76 2.22
N PHE A 316 0.13 -4.85 3.14
CA PHE A 316 1.13 -4.12 3.94
C PHE A 316 1.76 -5.04 5.00
N LEU A 317 1.06 -6.12 5.36
CA LEU A 317 1.62 -7.11 6.29
C LEU A 317 2.56 -8.05 5.55
N ILE A 318 2.17 -8.50 4.32
CA ILE A 318 3.03 -9.46 3.70
C ILE A 318 4.23 -8.76 3.03
N ASN A 319 4.05 -7.48 2.65
CA ASN A 319 5.16 -6.66 2.14
C ASN A 319 5.36 -5.48 3.09
N PRO A 320 5.91 -5.68 4.32
CA PRO A 320 5.89 -4.64 5.35
C PRO A 320 6.61 -3.34 5.02
N GLU A 321 7.54 -3.37 4.07
CA GLU A 321 8.23 -2.15 3.70
C GLU A 321 7.20 -1.09 3.28
N LEU A 322 6.04 -1.53 2.79
CA LEU A 322 4.89 -0.65 2.53
C LEU A 322 4.53 0.19 3.74
N ILE A 323 4.59 -0.42 4.94
CA ILE A 323 4.15 0.25 6.17
C ILE A 323 4.88 1.59 6.38
N ILE A 324 6.16 1.68 6.02
CA ILE A 324 6.92 2.95 6.26
C ILE A 324 6.37 4.13 5.45
N SER A 325 5.60 3.89 4.38
CA SER A 325 4.92 4.99 3.75
C SER A 325 4.13 5.83 4.78
N ARG A 326 3.61 5.19 5.83
CA ARG A 326 2.88 5.89 6.82
C ARG A 326 3.74 6.89 7.64
N LEU A 327 5.06 6.74 7.69
CA LEU A 327 5.95 7.69 8.37
C LEU A 327 5.90 9.05 7.67
N PHE A 328 5.76 9.09 6.34
CA PHE A 328 5.98 10.30 5.63
C PHE A 328 4.86 10.68 4.62
N THR A 329 3.76 9.90 4.51
CA THR A 329 2.78 10.17 3.44
C THR A 329 1.50 10.79 4.06
N GLU A 330 1.30 12.06 3.75
CA GLU A 330 0.14 12.80 4.15
C GLU A 330 -1.09 12.17 3.50
N VAL A 331 -2.23 12.32 4.17
CA VAL A 331 -3.52 11.82 3.69
C VAL A 331 -3.70 12.24 2.23
N LEU A 332 -4.12 11.29 1.39
CA LEU A 332 -4.26 11.53 -0.02
C LEU A 332 -5.53 12.39 -0.29
N ASP A 333 -5.35 13.43 -1.10
CA ASP A 333 -6.43 14.21 -1.64
C ASP A 333 -6.94 13.53 -2.92
N HIS A 334 -8.03 14.06 -3.45
CA HIS A 334 -8.79 13.39 -4.50
C HIS A 334 -7.96 13.21 -5.75
N ASN A 335 -6.99 14.10 -5.98
CA ASN A 335 -6.23 14.04 -7.23
C ASN A 335 -4.86 13.31 -7.04
N GLU A 336 -4.68 12.55 -5.95
CA GLU A 336 -3.31 12.03 -5.61
C GLU A 336 -3.31 10.50 -5.48
N CYS A 337 -2.12 9.91 -5.63
CA CYS A 337 -1.89 8.54 -5.23
C CYS A 337 -0.46 8.41 -4.69
N LEU A 338 -0.17 7.20 -4.20
CA LEU A 338 1.15 6.84 -3.81
C LEU A 338 1.53 5.56 -4.58
N ILE A 339 2.70 5.62 -5.22
CA ILE A 339 3.27 4.58 -6.01
C ILE A 339 4.55 4.09 -5.34
N ILE A 340 4.59 2.78 -5.01
CA ILE A 340 5.68 2.18 -4.31
C ILE A 340 6.31 1.07 -5.15
N THR A 341 7.60 1.21 -5.48
CA THR A 341 8.30 0.28 -6.33
C THR A 341 9.45 -0.34 -5.55
N GLY A 342 9.46 -1.68 -5.55
CA GLY A 342 10.51 -2.44 -4.95
C GLY A 342 10.19 -3.15 -3.65
N THR A 343 8.98 -3.08 -3.10
CA THR A 343 8.75 -3.78 -1.81
C THR A 343 8.87 -5.28 -2.06
N GLU A 344 9.35 -5.99 -1.04
CA GLU A 344 9.59 -7.41 -1.07
C GLU A 344 8.51 -8.16 -0.28
N GLN A 345 8.12 -9.33 -0.80
CA GLN A 345 7.18 -10.20 -0.08
C GLN A 345 7.96 -11.13 0.87
N TYR A 346 7.61 -11.07 2.16
CA TYR A 346 8.26 -11.84 3.17
C TYR A 346 7.40 -12.97 3.74
N SER A 347 6.07 -12.93 3.55
CA SER A 347 5.15 -13.95 4.10
C SER A 347 4.15 -14.41 3.03
N GLU A 348 3.56 -15.58 3.29
CA GLU A 348 2.38 -16.09 2.58
C GLU A 348 1.29 -16.21 3.62
N TYR A 349 0.03 -16.17 3.15
CA TYR A 349 -1.12 -16.28 4.04
C TYR A 349 -2.21 -17.17 3.42
N THR A 350 -3.24 -17.43 4.22
CA THR A 350 -4.48 -18.03 3.76
C THR A 350 -5.64 -17.18 4.29
N GLY A 351 -6.80 -17.33 3.68
CA GLY A 351 -8.01 -16.63 4.15
C GLY A 351 -7.94 -15.16 3.78
N TYR A 352 -8.74 -14.38 4.49
CA TYR A 352 -8.99 -13.02 4.16
C TYR A 352 -9.81 -12.52 5.32
N ALA A 353 -9.59 -11.26 5.72
CA ALA A 353 -10.37 -10.68 6.78
C ALA A 353 -10.41 -11.60 8.00
N GLU A 354 -11.59 -11.98 8.52
CA GLU A 354 -11.65 -12.61 9.83
C GLU A 354 -11.06 -14.03 9.77
N THR A 355 -10.78 -14.55 8.58
CA THR A 355 -10.16 -15.91 8.42
C THR A 355 -8.68 -15.79 7.98
N TYR A 356 -8.13 -14.57 7.94
CA TYR A 356 -6.69 -14.37 7.60
C TYR A 356 -5.83 -15.17 8.60
N ARG A 357 -4.88 -15.97 8.08
CA ARG A 357 -3.84 -16.60 8.86
C ARG A 357 -2.49 -16.46 8.14
N TRP A 358 -1.45 -16.20 8.92
CA TRP A 358 -0.08 -16.37 8.46
C TRP A 358 0.24 -17.86 8.20
N SER A 359 0.81 -18.21 7.04
CA SER A 359 1.12 -19.59 6.73
C SER A 359 2.57 -19.87 6.98
N ARG A 360 3.41 -19.05 6.33
CA ARG A 360 4.81 -19.35 6.27
C ARG A 360 5.59 -18.15 5.72
N SER A 361 6.92 -18.28 5.84
CA SER A 361 7.88 -17.39 5.24
C SER A 361 7.87 -17.51 3.71
N HIS A 362 8.00 -16.39 3.01
CA HIS A 362 8.09 -16.34 1.57
C HIS A 362 9.48 -15.88 1.14
N GLU A 363 10.07 -16.66 0.23
CA GLU A 363 11.36 -16.30 -0.48
C GLU A 363 11.03 -15.54 -1.75
N ASP A 364 11.21 -14.22 -1.75
CA ASP A 364 10.72 -13.47 -2.92
C ASP A 364 11.64 -13.81 -4.09
N GLY A 365 11.06 -14.26 -5.21
CA GLY A 365 11.76 -14.62 -6.46
C GLY A 365 11.89 -13.47 -7.46
N SER A 366 11.30 -12.29 -7.17
CA SER A 366 11.23 -11.20 -8.11
C SER A 366 12.66 -10.77 -8.51
N GLU A 367 12.86 -10.50 -9.80
CA GLU A 367 14.05 -9.88 -10.29
C GLU A 367 14.11 -8.45 -9.72
N ARG A 368 15.30 -7.84 -9.78
CA ARG A 368 15.50 -6.47 -9.40
C ARG A 368 15.84 -5.65 -10.66
N ASP A 369 15.35 -4.40 -10.74
CA ASP A 369 15.63 -3.54 -11.86
C ASP A 369 17.05 -3.00 -11.69
N ASP A 370 17.35 -1.98 -12.48
CA ASP A 370 18.70 -1.43 -12.48
C ASP A 370 18.95 -0.55 -11.26
N TRP A 371 17.92 -0.24 -10.45
CA TRP A 371 18.12 0.50 -9.22
C TRP A 371 18.07 -0.45 -7.99
N GLN A 372 18.20 -1.76 -8.26
CA GLN A 372 18.16 -2.81 -7.29
C GLN A 372 16.81 -2.81 -6.57
N ARG A 373 15.75 -2.44 -7.26
CA ARG A 373 14.38 -2.56 -6.75
C ARG A 373 13.75 -3.84 -7.29
N ARG A 374 13.15 -4.65 -6.40
CA ARG A 374 12.22 -5.72 -6.82
C ARG A 374 11.25 -5.16 -7.86
N CYS A 375 11.03 -5.95 -8.93
CA CYS A 375 10.13 -5.60 -10.01
C CYS A 375 8.69 -5.83 -9.55
N THR A 376 8.34 -5.06 -8.52
CA THR A 376 7.01 -5.07 -7.94
C THR A 376 6.58 -3.63 -7.77
N GLU A 377 5.54 -3.23 -8.48
CA GLU A 377 5.04 -1.84 -8.40
C GLU A 377 3.60 -1.88 -7.87
N ILE A 378 3.35 -1.18 -6.76
CA ILE A 378 2.05 -1.16 -6.11
C ILE A 378 1.55 0.30 -6.09
N VAL A 379 0.26 0.51 -6.32
CA VAL A 379 -0.24 1.90 -6.28
C VAL A 379 -1.40 1.97 -5.30
N ALA A 380 -1.32 2.91 -4.35
CA ALA A 380 -2.36 3.13 -3.38
C ALA A 380 -3.32 4.19 -3.95
N ILE A 381 -4.55 3.78 -4.24
CA ILE A 381 -5.68 4.62 -4.62
C ILE A 381 -6.86 4.34 -3.69
N ASP A 382 -7.39 5.42 -3.12
CA ASP A 382 -8.43 5.28 -2.20
C ASP A 382 -9.75 5.56 -2.90
N ALA A 383 -10.70 4.62 -2.75
CA ALA A 383 -12.06 4.85 -3.23
C ALA A 383 -12.86 5.64 -2.22
N LEU A 384 -13.99 6.13 -2.69
CA LEU A 384 -14.93 6.80 -1.85
C LEU A 384 -15.74 5.80 -1.06
N HIS A 385 -16.23 6.23 0.09
CA HIS A 385 -17.13 5.45 0.90
C HIS A 385 -18.56 5.90 0.58
N PHE A 386 -19.42 4.99 0.16
CA PHE A 386 -20.78 5.33 -0.20
C PHE A 386 -21.75 4.80 0.87
N ARG A 387 -22.06 5.70 1.81
CA ARG A 387 -23.19 5.63 2.76
C ARG A 387 -24.47 5.15 2.06
N ARG A 388 -24.89 5.85 1.01
CA ARG A 388 -26.05 5.39 0.22
C ARG A 388 -25.57 4.88 -1.16
N TYR A 389 -25.91 3.62 -1.46
CA TYR A 389 -25.52 2.91 -2.66
C TYR A 389 -25.68 3.78 -3.92
N LEU A 390 -26.85 4.38 -4.12
CA LEU A 390 -27.06 5.21 -5.34
C LEU A 390 -26.12 6.43 -5.47
N ASP A 391 -25.50 6.88 -4.38
CA ASP A 391 -24.71 8.08 -4.40
C ASP A 391 -23.57 7.94 -5.42
N GLN A 392 -23.14 6.70 -5.68
CA GLN A 392 -21.93 6.50 -6.51
C GLN A 392 -22.20 6.71 -8.00
N PHE A 393 -23.48 6.70 -8.39
CA PHE A 393 -23.81 6.91 -9.80
C PHE A 393 -23.94 8.41 -10.13
N VAL A 394 -23.91 9.29 -9.14
CA VAL A 394 -23.90 10.74 -9.44
C VAL A 394 -22.69 11.07 -10.32
N PRO A 395 -22.83 11.82 -11.45
CA PRO A 395 -21.71 12.11 -12.32
C PRO A 395 -20.45 12.55 -11.55
N GLU A 396 -20.59 13.46 -10.56
CA GLU A 396 -19.42 14.00 -9.77
C GLU A 396 -18.62 12.85 -9.13
N LYS A 397 -19.37 11.89 -8.57
CA LYS A 397 -18.82 10.71 -7.87
C LYS A 397 -18.13 9.73 -8.82
N MET A 398 -18.68 9.56 -10.03
CA MET A 398 -18.10 8.72 -11.10
C MET A 398 -16.83 9.37 -11.63
N ARG A 399 -16.85 10.67 -11.95
CA ARG A 399 -15.67 11.34 -12.42
C ARG A 399 -14.55 11.25 -11.38
N ARG A 400 -14.92 11.41 -10.09
CA ARG A 400 -13.94 11.38 -8.97
C ARG A 400 -13.21 10.03 -9.04
N GLU A 401 -13.94 8.92 -9.14
CA GLU A 401 -13.34 7.62 -9.09
C GLU A 401 -12.51 7.39 -10.34
N LEU A 402 -13.04 7.83 -11.49
CA LEU A 402 -12.29 7.74 -12.76
C LEU A 402 -10.94 8.45 -12.60
N ASN A 403 -10.96 9.67 -12.07
CA ASN A 403 -9.80 10.53 -12.03
C ASN A 403 -8.82 9.96 -11.02
N LYS A 404 -9.32 9.43 -9.89
CA LYS A 404 -8.43 8.81 -8.88
C LYS A 404 -7.64 7.64 -9.49
N ALA A 405 -8.38 6.71 -10.11
CA ALA A 405 -7.84 5.52 -10.78
C ALA A 405 -6.91 5.97 -11.93
N TYR A 406 -7.34 6.96 -12.71
CA TYR A 406 -6.46 7.51 -13.78
C TYR A 406 -5.11 8.00 -13.22
N CYS A 407 -5.13 8.81 -12.16
CA CYS A 407 -3.94 9.28 -11.54
C CYS A 407 -3.05 8.09 -11.13
N GLY A 408 -3.67 7.07 -10.55
CA GLY A 408 -2.93 5.88 -10.10
C GLY A 408 -2.27 5.09 -11.22
N PHE A 409 -2.86 5.15 -12.44
CA PHE A 409 -2.45 4.32 -13.62
C PHE A 409 -1.51 5.09 -14.58
N LEU A 410 -1.56 6.43 -14.55
CA LEU A 410 -0.82 7.23 -15.55
C LEU A 410 0.64 7.38 -15.15
N ARG A 411 1.53 7.20 -16.14
CA ARG A 411 2.94 7.36 -15.99
C ARG A 411 3.36 8.39 -17.04
N PRO A 412 3.32 9.69 -16.72
CA PRO A 412 3.73 10.71 -17.66
C PRO A 412 5.14 10.40 -18.14
N GLY A 413 5.34 10.53 -19.45
CA GLY A 413 6.68 10.41 -20.03
C GLY A 413 7.11 8.95 -20.15
N VAL A 414 6.12 8.02 -20.23
CA VAL A 414 6.34 6.59 -20.58
C VAL A 414 5.41 6.20 -21.74
N SER A 415 5.97 5.54 -22.75
CA SER A 415 5.14 4.98 -23.85
C SER A 415 4.34 3.75 -23.37
N SER A 416 3.19 3.49 -24.02
CA SER A 416 2.22 2.47 -23.68
C SER A 416 2.84 1.08 -23.72
N GLU A 417 3.77 0.86 -24.66
CA GLU A 417 4.42 -0.44 -24.81
C GLU A 417 5.30 -0.73 -23.60
N ASN A 418 5.71 0.30 -22.85
CA ASN A 418 6.54 0.10 -21.67
C ASN A 418 5.69 -0.01 -20.39
N LEU A 419 4.37 -0.05 -20.53
CA LEU A 419 3.49 0.00 -19.36
C LEU A 419 2.96 -1.41 -19.12
N SER A 420 3.13 -1.88 -17.89
CA SER A 420 2.54 -3.17 -17.50
C SER A 420 1.01 -3.04 -17.50
N ALA A 421 0.34 -4.19 -17.55
CA ALA A 421 -1.08 -4.30 -17.28
C ALA A 421 -1.35 -3.87 -15.84
N VAL A 422 -2.58 -3.46 -15.60
CA VAL A 422 -3.04 -3.11 -14.28
C VAL A 422 -3.66 -4.36 -13.67
N ALA A 423 -3.19 -4.75 -12.48
CA ALA A 423 -3.80 -5.94 -11.79
C ALA A 423 -4.67 -5.42 -10.66
N THR A 424 -5.97 -5.69 -10.71
CA THR A 424 -6.88 -5.05 -9.74
C THR A 424 -8.04 -6.00 -9.53
N GLY A 425 -9.11 -5.42 -9.00
CA GLY A 425 -10.27 -6.11 -8.59
C GLY A 425 -11.35 -5.14 -8.13
N ASN A 426 -12.26 -5.62 -7.26
CA ASN A 426 -13.47 -4.84 -6.78
C ASN A 426 -13.07 -3.77 -5.76
N TRP A 427 -12.28 -2.82 -6.26
CA TRP A 427 -11.83 -1.58 -5.61
C TRP A 427 -13.01 -0.87 -4.95
N GLY A 428 -12.92 -0.68 -3.60
CA GLY A 428 -13.85 0.06 -2.81
C GLY A 428 -15.24 -0.56 -2.67
N CYS A 429 -15.32 -1.87 -2.97
CA CYS A 429 -16.58 -2.63 -2.84
C CYS A 429 -16.52 -3.25 -1.43
N GLY A 430 -17.50 -3.98 -0.93
CA GLY A 430 -17.36 -4.31 0.56
C GLY A 430 -17.54 -3.11 1.49
N ALA A 431 -16.57 -2.79 2.36
CA ALA A 431 -16.89 -1.83 3.46
C ALA A 431 -17.36 -0.49 2.87
N PHE A 432 -16.82 -0.13 1.70
CA PHE A 432 -17.01 1.20 1.26
C PHE A 432 -18.28 1.28 0.40
N GLY A 433 -18.98 0.16 0.16
CA GLY A 433 -20.31 0.21 -0.50
C GLY A 433 -20.29 0.43 -2.02
N GLY A 434 -19.12 0.34 -2.65
CA GLY A 434 -18.97 0.41 -4.06
C GLY A 434 -19.69 -0.73 -4.77
N ASP A 435 -20.20 -0.45 -5.99
CA ASP A 435 -20.80 -1.44 -6.88
C ASP A 435 -19.68 -2.08 -7.74
N ALA A 436 -19.53 -3.39 -7.69
CA ALA A 436 -18.44 -4.09 -8.40
C ALA A 436 -18.49 -3.84 -9.90
N ARG A 437 -19.69 -3.88 -10.49
CA ARG A 437 -19.86 -3.79 -11.97
C ARG A 437 -19.60 -2.37 -12.44
N LEU A 438 -20.03 -1.38 -11.66
CA LEU A 438 -19.63 0.01 -11.88
C LEU A 438 -18.12 0.19 -11.71
N LYS A 439 -17.55 -0.25 -10.58
CA LYS A 439 -16.16 0.02 -10.36
C LYS A 439 -15.28 -0.71 -11.40
N ALA A 440 -15.71 -1.87 -11.87
CA ALA A 440 -14.94 -2.56 -12.87
C ALA A 440 -14.85 -1.70 -14.11
N LEU A 441 -15.99 -1.12 -14.51
CA LEU A 441 -16.07 -0.34 -15.75
C LEU A 441 -15.28 0.94 -15.59
N ILE A 442 -15.37 1.55 -14.38
CA ILE A 442 -14.59 2.75 -14.10
C ILE A 442 -13.08 2.48 -14.31
N GLN A 443 -12.62 1.34 -13.80
CA GLN A 443 -11.22 1.04 -13.87
C GLN A 443 -10.81 0.75 -15.31
N ILE A 444 -11.71 0.08 -16.05
CA ILE A 444 -11.49 -0.25 -17.50
C ILE A 444 -11.31 1.04 -18.31
N LEU A 445 -12.12 2.05 -18.00
CA LEU A 445 -12.02 3.36 -18.62
C LEU A 445 -10.77 4.13 -18.21
N ALA A 446 -10.45 4.19 -16.89
CA ALA A 446 -9.24 4.81 -16.43
C ALA A 446 -7.98 4.19 -17.10
N ALA A 447 -7.99 2.86 -17.20
CA ALA A 447 -6.88 2.12 -17.70
C ALA A 447 -6.72 2.41 -19.20
N ALA A 448 -7.84 2.45 -19.92
CA ALA A 448 -7.84 2.72 -21.36
C ALA A 448 -7.25 4.11 -21.65
N ALA A 449 -7.65 5.06 -20.81
CA ALA A 449 -7.22 6.43 -20.93
C ALA A 449 -5.72 6.51 -20.64
N ALA A 450 -5.23 5.68 -19.67
CA ALA A 450 -3.80 5.64 -19.37
C ALA A 450 -3.03 4.66 -20.29
N GLU A 451 -3.74 4.01 -21.21
CA GLU A 451 -3.16 3.13 -22.24
C GLU A 451 -2.54 1.87 -21.62
N ARG A 452 -3.27 1.26 -20.69
CA ARG A 452 -2.85 0.07 -20.05
C ARG A 452 -3.97 -0.96 -20.22
N ASP A 453 -3.57 -2.22 -20.29
CA ASP A 453 -4.46 -3.37 -20.20
C ASP A 453 -4.84 -3.61 -18.73
N VAL A 454 -5.84 -4.43 -18.51
CA VAL A 454 -6.46 -4.71 -17.21
C VAL A 454 -6.51 -6.21 -16.99
N VAL A 455 -6.00 -6.63 -15.82
CA VAL A 455 -6.12 -7.93 -15.29
C VAL A 455 -6.93 -7.83 -13.98
N TYR A 456 -8.10 -8.46 -13.93
CA TYR A 456 -9.15 -8.18 -12.98
C TYR A 456 -9.49 -9.49 -12.25
N PHE A 457 -9.45 -9.47 -10.92
CA PHE A 457 -9.57 -10.68 -10.08
C PHE A 457 -10.85 -10.58 -9.27
N THR A 458 -11.72 -11.59 -9.37
CA THR A 458 -13.02 -11.54 -8.69
C THR A 458 -13.08 -12.52 -7.49
N PHE A 459 -12.00 -13.23 -7.17
CA PHE A 459 -11.93 -13.92 -5.88
C PHE A 459 -13.16 -14.79 -5.60
N GLY A 460 -13.40 -15.76 -6.49
CA GLY A 460 -14.44 -16.80 -6.31
C GLY A 460 -15.77 -16.44 -6.97
N ASP A 461 -15.94 -15.16 -7.38
CA ASP A 461 -17.22 -14.65 -7.88
C ASP A 461 -17.25 -14.89 -9.40
N SER A 462 -17.68 -16.09 -9.83
CA SER A 462 -17.57 -16.48 -11.22
C SER A 462 -18.59 -15.73 -12.08
N GLU A 463 -19.75 -15.41 -11.52
CA GLU A 463 -20.80 -14.64 -12.23
C GLU A 463 -20.29 -13.23 -12.57
N LEU A 464 -19.56 -12.62 -11.64
CA LEU A 464 -19.02 -11.30 -11.92
C LEU A 464 -17.93 -11.41 -13.00
N MET A 465 -17.07 -12.43 -12.93
CA MET A 465 -16.13 -12.69 -14.04
C MET A 465 -16.87 -12.74 -15.40
N ARG A 466 -17.87 -13.59 -15.53
CA ARG A 466 -18.53 -13.67 -16.81
C ARG A 466 -19.15 -12.29 -17.21
N ASP A 467 -19.78 -11.61 -16.27
CA ASP A 467 -20.50 -10.30 -16.54
C ASP A 467 -19.54 -9.20 -17.02
N ILE A 468 -18.37 -9.09 -16.36
CA ILE A 468 -17.38 -8.09 -16.68
C ILE A 468 -16.84 -8.40 -18.08
N TYR A 469 -16.51 -9.68 -18.29
CA TYR A 469 -16.07 -10.14 -19.59
C TYR A 469 -17.09 -9.82 -20.70
N SER A 470 -18.38 -10.16 -20.47
CA SER A 470 -19.42 -10.00 -21.51
C SER A 470 -19.56 -8.52 -21.84
N MET A 471 -19.47 -7.66 -20.81
CA MET A 471 -19.63 -6.21 -21.08
C MET A 471 -18.46 -5.67 -21.89
N HIS A 472 -17.27 -6.14 -21.55
CA HIS A 472 -16.08 -5.67 -22.13
C HIS A 472 -16.02 -6.05 -23.62
N ILE A 473 -16.27 -7.31 -23.92
CA ILE A 473 -16.26 -7.78 -25.30
C ILE A 473 -17.37 -7.07 -26.10
N PHE A 474 -18.54 -6.89 -25.48
CA PHE A 474 -19.65 -6.14 -26.09
C PHE A 474 -19.22 -4.73 -26.54
N LEU A 475 -18.62 -3.98 -25.65
CA LEU A 475 -18.23 -2.58 -25.93
C LEU A 475 -17.06 -2.54 -26.94
N THR A 476 -16.09 -3.47 -26.80
CA THR A 476 -14.90 -3.52 -27.68
C THR A 476 -15.32 -3.88 -29.12
N GLU A 477 -16.16 -4.90 -29.27
CA GLU A 477 -16.65 -5.31 -30.62
C GLU A 477 -17.44 -4.17 -31.31
N ARG A 478 -18.20 -3.38 -30.56
CA ARG A 478 -18.88 -2.23 -31.15
C ARG A 478 -17.98 -1.00 -31.19
N LYS A 479 -16.71 -1.19 -30.87
CA LYS A 479 -15.63 -0.16 -30.83
C LYS A 479 -16.06 1.12 -30.11
N LEU A 480 -16.76 1.04 -28.98
CA LEU A 480 -17.03 2.28 -28.31
C LEU A 480 -15.76 2.82 -27.66
N THR A 481 -15.70 4.15 -27.59
CA THR A 481 -14.58 4.85 -26.96
C THR A 481 -14.86 5.02 -25.46
N VAL A 482 -13.82 5.48 -24.72
CA VAL A 482 -13.92 5.88 -23.29
C VAL A 482 -15.11 6.82 -23.14
N GLY A 483 -15.16 7.87 -23.99
CA GLY A 483 -16.21 8.91 -24.00
C GLY A 483 -17.61 8.37 -24.27
N ASP A 484 -17.75 7.49 -25.26
CA ASP A 484 -19.04 6.79 -25.52
C ASP A 484 -19.49 6.04 -24.26
N VAL A 485 -18.57 5.29 -23.64
CA VAL A 485 -18.97 4.53 -22.44
C VAL A 485 -19.32 5.51 -21.30
N TYR A 486 -18.49 6.56 -21.11
CA TYR A 486 -18.79 7.51 -20.06
C TYR A 486 -20.15 8.17 -20.29
N LYS A 487 -20.46 8.50 -21.53
CA LYS A 487 -21.82 9.06 -21.81
C LYS A 487 -22.92 8.06 -21.47
N LEU A 488 -22.69 6.79 -21.77
CA LEU A 488 -23.67 5.80 -21.33
C LEU A 488 -23.85 5.85 -19.81
N LEU A 489 -22.78 6.02 -19.01
CA LEU A 489 -22.89 6.11 -17.52
C LEU A 489 -23.73 7.34 -17.11
N LEU A 490 -23.58 8.45 -17.84
CA LEU A 490 -24.37 9.63 -17.62
C LEU A 490 -25.86 9.40 -17.92
N ARG A 491 -26.14 8.70 -19.00
CA ARG A 491 -27.52 8.36 -19.34
C ARG A 491 -28.11 7.50 -18.21
N TYR A 492 -27.28 6.61 -17.65
CA TYR A 492 -27.83 5.74 -16.67
C TYR A 492 -28.21 6.60 -15.48
N TYR A 493 -27.34 7.54 -15.14
CA TYR A 493 -27.65 8.37 -14.02
C TYR A 493 -28.94 9.15 -14.30
N ASN A 494 -28.99 9.78 -15.46
CA ASN A 494 -30.10 10.73 -15.81
C ASN A 494 -31.45 10.00 -15.90
N GLU A 495 -31.47 8.77 -16.42
CA GLU A 495 -32.71 8.06 -16.72
C GLU A 495 -33.14 7.12 -15.59
N GLU A 496 -32.20 6.50 -14.87
CA GLU A 496 -32.61 5.46 -13.92
C GLU A 496 -32.30 5.84 -12.48
N CYS A 497 -31.39 6.79 -12.26
CA CYS A 497 -30.93 7.05 -10.89
C CYS A 497 -31.46 8.37 -10.31
N ARG A 498 -31.43 9.44 -11.11
CA ARG A 498 -31.56 10.81 -10.59
C ARG A 498 -32.92 11.01 -9.89
N ASN A 499 -33.98 10.40 -10.45
CA ASN A 499 -35.32 10.54 -9.88
C ASN A 499 -35.91 9.14 -9.77
N CYS A 500 -35.13 8.28 -9.09
CA CYS A 500 -35.52 6.95 -8.70
C CYS A 500 -36.12 7.00 -7.28
N SER A 501 -37.29 6.39 -7.13
CA SER A 501 -38.08 6.47 -5.92
C SER A 501 -37.46 5.63 -4.79
N THR A 502 -36.54 4.68 -5.09
CA THR A 502 -36.17 3.58 -4.15
C THR A 502 -34.66 3.52 -3.87
N PRO A 503 -34.21 2.77 -2.84
CA PRO A 503 -32.78 2.54 -2.58
C PRO A 503 -31.91 2.03 -3.76
N GLY A 504 -32.44 1.10 -4.56
CA GLY A 504 -31.81 0.68 -5.82
C GLY A 504 -32.66 1.17 -6.99
N PRO A 505 -32.09 1.33 -8.22
CA PRO A 505 -32.85 1.87 -9.37
C PRO A 505 -33.67 0.77 -10.04
N ASP A 506 -34.47 1.14 -11.04
CA ASP A 506 -35.33 0.21 -11.71
C ASP A 506 -34.53 -0.88 -12.47
N ILE A 507 -33.49 -0.48 -13.19
CA ILE A 507 -32.77 -1.33 -14.05
C ILE A 507 -31.31 -1.28 -13.61
N LYS A 508 -30.68 -2.44 -13.62
CA LYS A 508 -29.25 -2.55 -13.31
C LYS A 508 -28.43 -1.88 -14.42
N LEU A 509 -27.22 -1.43 -14.07
CA LEU A 509 -26.27 -0.73 -15.02
C LEU A 509 -26.03 -1.49 -16.30
N TYR A 510 -25.56 -2.73 -16.18
CA TYR A 510 -25.05 -3.44 -17.37
C TYR A 510 -26.24 -3.68 -18.30
N PRO A 511 -27.34 -4.26 -17.81
CA PRO A 511 -28.52 -4.41 -18.66
C PRO A 511 -28.94 -3.11 -19.36
N PHE A 512 -28.90 -2.01 -18.61
CA PHE A 512 -29.15 -0.70 -19.21
C PHE A 512 -28.21 -0.40 -20.40
N ILE A 513 -26.91 -0.66 -20.25
CA ILE A 513 -25.93 -0.34 -21.27
C ILE A 513 -26.18 -1.22 -22.48
N TYR A 514 -26.44 -2.51 -22.25
CA TYR A 514 -26.75 -3.39 -23.36
C TYR A 514 -28.02 -2.90 -24.11
N HIS A 515 -29.09 -2.59 -23.40
CA HIS A 515 -30.28 -2.13 -24.09
C HIS A 515 -30.01 -0.81 -24.83
N ALA A 516 -29.31 0.13 -24.18
CA ALA A 516 -29.05 1.46 -24.77
C ALA A 516 -28.24 1.38 -26.07
N VAL A 517 -27.24 0.51 -26.15
CA VAL A 517 -26.37 0.50 -27.33
C VAL A 517 -27.08 -0.32 -28.42
N GLU A 518 -27.70 -1.44 -28.01
CA GLU A 518 -28.44 -2.33 -28.92
C GLU A 518 -29.66 -1.59 -29.49
N SER A 519 -30.23 -0.64 -28.73
CA SER A 519 -31.30 0.27 -29.19
C SER A 519 -30.87 1.05 -30.43
N CYS A 520 -29.61 1.50 -30.43
CA CYS A 520 -29.05 2.56 -31.29
C CYS A 520 -28.65 2.00 -32.66
O3 M1D B . -7.17 -10.10 -2.19
C9 M1D B . -8.27 -10.62 -1.93
N3 M1D B . -8.32 -11.96 -1.48
C10 M1D B . -7.08 -12.76 -1.27
C5 M1D B . -9.57 -12.49 -1.22
N1 M1D B . -9.90 -13.70 -0.82
C4 M1D B . -11.28 -13.82 -0.74
N2 M1D B . -9.48 -9.91 -2.17
C8 M1D B . -9.50 -8.55 -2.65
C7 M1D B . -10.75 -10.53 -1.91
O2 M1D B . -11.81 -9.86 -2.09
C6 M1D B . -10.78 -11.84 -1.44
N M1D B . -11.84 -12.65 -1.07
C3 M1D B . -13.29 -12.37 -1.16
C2 M1D B . -13.85 -11.75 0.10
C1 M1D B . -13.94 -12.84 1.18
C M1D B . -14.44 -12.21 2.47
O1 M1D B . -15.23 -11.26 2.35
O M1D B . -14.00 -12.62 3.70
#